data_7BC6
#
_entry.id   7BC6
#
_cell.length_a   1.00
_cell.length_b   1.00
_cell.length_c   1.00
_cell.angle_alpha   90.00
_cell.angle_beta   90.00
_cell.angle_gamma   90.00
#
_symmetry.space_group_name_H-M   'P 1'
#
loop_
_entity.id
_entity.type
_entity.pdbx_description
1 polymer 'Proton-coupled folate transporter'
2 polymer nanobody
#
loop_
_entity_poly.entity_id
_entity_poly.type
_entity_poly.pdbx_seq_one_letter_code
_entity_poly.pdbx_strand_id
1 'polypeptide(L)'
;MAAPSDPPTAATPPAPPPPARRCLPAPSVEPLLFLATLALGLQVPLATQYLWDRLGAERGYVGPNASSPHGCGNGSGAVD
PLREEVEALVAHWNLCINLGGFFVGLFSVTLFGPWSDSVGRRPVLVLPAVGMAVQAAVYLLVMYLRLHVAYLLLGRIISG
LLGDYNLILAGCFASVADSSNQRTRTFRVAILEACLGVAGMVASVGGGQWRKAEGYINPFWLVLAASLAAALYAALCLQE
TVKQRRAAKLLTLQHYKAVYKLYTAPEDLSSRRKLALYSLAFFLLVTVHFGTKDLYVLYELGSPLCWASDLIGYGSAASY
LAYLSSLGGLRLLQLCLEDTWVAEIGLISNIAGLVVISLATTTPLMFTGYGIMFLSMAATPVIRAKLSKLVSETEQGALF
ASVACVEGLCSLVATGVFNSLYPSTLHFMRGFPFLFGAILLLIPAAIMGWIEIQDSNLQYSHFSDASSSPADGGENLYFQ
;
A
2 'polypeptide(L)'
;GPSQVQLVESGGGLVQPGGSLRLSCAASGFTFSRYWMYWVRQAPGKGPEWLSHMNPSGSDIKYTDSVKGRFTISRDNAKN
TLYLQMNSLKPDDTAVYYCVADRRALGSPEYWGQGTQVTVSSA
;
B
#
# COMPACT_ATOMS: atom_id res chain seq x y z
N ALA A 26 -19.49 -15.98 -15.30
CA ALA A 26 -20.84 -16.10 -15.85
C ALA A 26 -21.79 -15.04 -15.29
N PRO A 27 -21.73 -14.74 -13.97
CA PRO A 27 -22.42 -13.53 -13.49
C PRO A 27 -21.81 -12.28 -14.09
N SER A 28 -20.51 -12.09 -13.88
CA SER A 28 -19.81 -10.90 -14.32
C SER A 28 -18.31 -11.03 -14.07
N VAL A 29 -17.54 -9.97 -14.37
CA VAL A 29 -16.10 -9.96 -14.12
C VAL A 29 -15.74 -9.32 -12.79
N GLU A 30 -16.73 -8.98 -11.96
CA GLU A 30 -16.41 -8.40 -10.66
C GLU A 30 -15.60 -9.33 -9.76
N PRO A 31 -15.92 -10.62 -9.61
CA PRO A 31 -15.08 -11.49 -8.77
C PRO A 31 -13.63 -11.57 -9.23
N LEU A 32 -13.36 -11.47 -10.54
CA LEU A 32 -11.98 -11.45 -11.01
C LEU A 32 -11.21 -10.29 -10.41
N LEU A 33 -11.77 -9.08 -10.49
CA LEU A 33 -11.07 -7.93 -9.93
C LEU A 33 -11.02 -8.00 -8.42
N PHE A 34 -12.06 -8.56 -7.78
CA PHE A 34 -12.02 -8.75 -6.32
C PHE A 34 -10.83 -9.62 -5.92
N LEU A 35 -10.70 -10.79 -6.55
CA LEU A 35 -9.61 -11.70 -6.18
C LEU A 35 -8.25 -11.12 -6.54
N ALA A 36 -8.13 -10.49 -7.72
CA ALA A 36 -6.85 -9.91 -8.11
C ALA A 36 -6.44 -8.78 -7.18
N THR A 37 -7.39 -7.94 -6.79
CA THR A 37 -7.08 -6.84 -5.88
C THR A 37 -6.75 -7.34 -4.49
N LEU A 38 -7.44 -8.40 -4.04
CA LEU A 38 -7.08 -9.03 -2.78
C LEU A 38 -5.63 -9.54 -2.83
N ALA A 39 -5.27 -10.18 -3.94
CA ALA A 39 -3.91 -10.67 -4.10
C ALA A 39 -2.90 -9.53 -4.04
N LEU A 40 -3.17 -8.45 -4.76
CA LEU A 40 -2.22 -7.34 -4.81
C LEU A 40 -2.10 -6.63 -3.46
N GLY A 41 -3.23 -6.38 -2.80
CA GLY A 41 -3.22 -5.67 -1.54
C GLY A 41 -2.66 -6.49 -0.41
N LEU A 42 -2.71 -7.82 -0.52
CA LEU A 42 -1.98 -8.65 0.43
C LEU A 42 -0.52 -8.78 0.05
N GLN A 43 -0.20 -8.68 -1.23
CA GLN A 43 1.17 -8.87 -1.68
C GLN A 43 2.06 -7.71 -1.29
N VAL A 44 1.55 -6.49 -1.39
CA VAL A 44 2.41 -5.31 -1.19
C VAL A 44 3.03 -5.27 0.21
N PRO A 45 2.24 -5.32 1.30
CA PRO A 45 2.86 -5.25 2.63
C PRO A 45 3.71 -6.46 2.97
N LEU A 46 3.31 -7.66 2.56
CA LEU A 46 4.13 -8.83 2.85
C LEU A 46 5.46 -8.79 2.09
N ALA A 47 5.44 -8.33 0.84
CA ALA A 47 6.68 -8.21 0.09
C ALA A 47 7.61 -7.17 0.71
N THR A 48 7.09 -6.02 1.10
CA THR A 48 7.97 -5.04 1.73
C THR A 48 8.42 -5.49 3.12
N GLN A 49 7.61 -6.28 3.81
CA GLN A 49 8.04 -6.84 5.08
C GLN A 49 9.19 -7.83 4.88
N TYR A 50 9.12 -8.65 3.83
CA TYR A 50 10.25 -9.54 3.55
C TYR A 50 11.48 -8.75 3.19
N LEU A 51 11.32 -7.67 2.42
CA LEU A 51 12.46 -6.82 2.11
C LEU A 51 13.10 -6.30 3.39
N TRP A 52 12.29 -5.82 4.33
CA TRP A 52 12.81 -5.37 5.62
C TRP A 52 13.57 -6.49 6.32
N ASP A 53 12.96 -7.66 6.42
CA ASP A 53 13.58 -8.78 7.14
C ASP A 53 14.93 -9.14 6.54
N ARG A 54 14.96 -9.38 5.22
CA ARG A 54 16.18 -9.85 4.59
C ARG A 54 17.27 -8.78 4.59
N LEU A 55 16.92 -7.54 4.22
CA LEU A 55 17.92 -6.50 4.18
C LEU A 55 18.46 -6.17 5.56
N GLY A 56 17.62 -6.22 6.60
CA GLY A 56 18.13 -6.05 7.94
C GLY A 56 19.02 -7.19 8.39
N ALA A 57 18.62 -8.43 8.07
CA ALA A 57 19.42 -9.58 8.50
C ALA A 57 20.79 -9.57 7.84
N GLU A 58 20.85 -9.20 6.56
CA GLU A 58 22.14 -9.17 5.87
C GLU A 58 23.11 -8.16 6.48
N ARG A 59 22.59 -7.18 7.25
CA ARG A 59 23.43 -6.15 7.83
C ARG A 59 23.49 -6.22 9.35
N GLY A 60 23.01 -7.31 9.95
CA GLY A 60 23.08 -7.46 11.39
C GLY A 60 22.30 -6.41 12.15
N TYR A 61 21.10 -6.09 11.70
CA TYR A 61 20.25 -5.08 12.34
C TYR A 61 19.09 -5.81 13.02
N VAL A 62 19.16 -5.94 14.33
CA VAL A 62 18.13 -6.63 15.11
C VAL A 62 17.28 -5.52 15.75
N GLY A 63 16.25 -5.10 15.04
CA GLY A 63 15.44 -4.00 15.50
C GLY A 63 14.08 -4.00 14.85
N PRO A 64 13.29 -2.98 15.12
CA PRO A 64 11.95 -2.92 14.53
C PRO A 64 12.02 -2.79 13.03
N ASN A 65 11.00 -3.30 12.37
CA ASN A 65 10.96 -3.33 10.91
C ASN A 65 10.20 -2.14 10.31
N ALA A 66 9.83 -1.16 11.10
CA ALA A 66 9.14 0.00 10.55
C ALA A 66 10.11 1.15 10.36
N SER A 67 9.59 2.28 9.89
CA SER A 67 10.38 3.50 9.85
C SER A 67 10.55 4.03 11.28
N SER A 68 11.32 5.10 11.40
CA SER A 68 11.51 5.70 12.72
C SER A 68 10.17 6.19 13.25
N PRO A 69 9.91 6.05 14.55
CA PRO A 69 8.64 6.53 15.08
C PRO A 69 8.64 8.05 15.25
N HIS A 70 7.59 8.59 15.86
CA HIS A 70 7.48 10.03 16.04
C HIS A 70 6.75 10.31 17.33
N GLY A 71 7.41 10.96 18.27
CA GLY A 71 6.75 11.49 19.45
C GLY A 71 6.19 10.42 20.39
N CYS A 72 5.53 10.93 21.43
CA CYS A 72 5.00 10.12 22.53
C CYS A 72 6.08 9.26 23.18
N GLY A 73 7.28 9.80 23.30
CA GLY A 73 8.36 9.10 23.97
C GLY A 73 9.00 7.99 23.20
N ASN A 74 8.53 7.71 21.99
CA ASN A 74 9.09 6.63 21.17
C ASN A 74 10.42 7.11 20.61
N GLY A 75 11.44 6.98 21.45
CA GLY A 75 12.80 7.34 21.11
C GLY A 75 13.38 8.23 22.19
N SER A 76 14.49 8.86 21.86
CA SER A 76 15.01 9.97 22.65
C SER A 76 15.29 11.20 21.80
N GLY A 77 14.86 11.19 20.54
CA GLY A 77 15.17 12.24 19.61
C GLY A 77 16.36 11.94 18.71
N ALA A 78 17.21 11.00 19.10
CA ALA A 78 18.38 10.67 18.31
C ALA A 78 18.00 9.83 17.10
N VAL A 79 18.77 9.97 16.04
CA VAL A 79 18.53 9.26 14.79
C VAL A 79 19.36 7.99 14.77
N ASP A 80 18.88 7.00 14.02
CA ASP A 80 19.51 5.69 13.95
C ASP A 80 20.22 5.54 12.62
N PRO A 81 21.55 5.57 12.58
CA PRO A 81 22.24 5.44 11.29
C PRO A 81 21.98 4.12 10.59
N LEU A 82 21.78 3.03 11.33
CA LEU A 82 21.60 1.72 10.69
C LEU A 82 20.16 1.48 10.30
N ARG A 83 19.22 1.89 11.15
CA ARG A 83 17.81 1.74 10.81
C ARG A 83 17.43 2.59 9.62
N GLU A 84 17.96 3.82 9.55
CA GLU A 84 17.71 4.66 8.38
C GLU A 84 18.32 4.05 7.13
N GLU A 85 19.49 3.44 7.27
CA GLU A 85 20.13 2.80 6.12
C GLU A 85 19.32 1.61 5.61
N VAL A 86 18.81 0.78 6.52
CA VAL A 86 17.99 -0.36 6.10
C VAL A 86 16.67 0.12 5.51
N GLU A 87 16.10 1.19 6.07
CA GLU A 87 14.87 1.75 5.52
C GLU A 87 15.07 2.30 4.12
N ALA A 88 16.19 2.98 3.89
CA ALA A 88 16.51 3.45 2.55
C ALA A 88 16.72 2.29 1.60
N LEU A 89 17.39 1.23 2.04
CA LEU A 89 17.56 0.05 1.21
C LEU A 89 16.21 -0.54 0.82
N VAL A 90 15.30 -0.65 1.77
CA VAL A 90 13.99 -1.23 1.48
C VAL A 90 13.22 -0.36 0.49
N ALA A 91 13.26 0.96 0.69
CA ALA A 91 12.56 1.85 -0.23
C ALA A 91 13.15 1.75 -1.63
N HIS A 92 14.48 1.68 -1.72
CA HIS A 92 15.13 1.57 -3.03
C HIS A 92 14.80 0.25 -3.71
N TRP A 93 14.70 -0.84 -2.94
CA TRP A 93 14.40 -2.13 -3.57
C TRP A 93 12.94 -2.20 -4.00
N ASN A 94 12.02 -1.62 -3.21
CA ASN A 94 10.65 -1.49 -3.70
C ASN A 94 10.60 -0.68 -4.97
N LEU A 95 11.36 0.42 -5.03
CA LEU A 95 11.39 1.21 -6.26
C LEU A 95 11.90 0.39 -7.43
N CYS A 96 12.96 -0.39 -7.22
CA CYS A 96 13.55 -1.16 -8.32
C CYS A 96 12.54 -2.18 -8.85
N ILE A 97 11.95 -2.98 -7.96
CA ILE A 97 11.04 -4.03 -8.43
C ILE A 97 9.80 -3.40 -9.06
N ASN A 98 9.31 -2.28 -8.49
CA ASN A 98 8.11 -1.66 -9.04
C ASN A 98 8.38 -1.03 -10.40
N LEU A 99 9.55 -0.42 -10.60
CA LEU A 99 9.87 0.14 -11.91
C LEU A 99 10.07 -0.94 -12.95
N GLY A 100 10.72 -2.05 -12.58
CA GLY A 100 10.83 -3.15 -13.53
C GLY A 100 9.48 -3.68 -13.95
N GLY A 101 8.61 -3.91 -12.97
CA GLY A 101 7.26 -4.34 -13.28
C GLY A 101 6.51 -3.32 -14.11
N PHE A 102 6.69 -2.04 -13.82
CA PHE A 102 5.98 -1.00 -14.55
C PHE A 102 6.42 -0.94 -16.01
N PHE A 103 7.72 -1.07 -16.28
CA PHE A 103 8.16 -1.03 -17.67
C PHE A 103 7.67 -2.24 -18.44
N VAL A 104 7.81 -3.44 -17.88
CA VAL A 104 7.34 -4.61 -18.62
C VAL A 104 5.82 -4.57 -18.78
N GLY A 105 5.10 -4.06 -17.79
CA GLY A 105 3.67 -3.89 -17.94
C GLY A 105 3.31 -2.85 -18.98
N LEU A 106 4.10 -1.78 -19.06
CA LEU A 106 3.90 -0.78 -20.11
C LEU A 106 3.98 -1.42 -21.48
N PHE A 107 4.94 -2.32 -21.68
CA PHE A 107 5.09 -2.93 -23.00
C PHE A 107 4.18 -4.14 -23.21
N SER A 108 3.53 -4.67 -22.17
CA SER A 108 2.66 -5.83 -22.32
C SER A 108 1.17 -5.50 -22.29
N VAL A 109 0.74 -4.54 -21.47
CA VAL A 109 -0.68 -4.19 -21.39
C VAL A 109 -1.16 -3.60 -22.70
N THR A 110 -0.37 -2.71 -23.29
CA THR A 110 -0.77 -2.10 -24.56
C THR A 110 -0.63 -3.06 -25.73
N LEU A 111 -0.07 -4.25 -25.52
CA LEU A 111 -0.08 -5.28 -26.53
C LEU A 111 -1.22 -6.26 -26.36
N PHE A 112 -1.60 -6.56 -25.13
CA PHE A 112 -2.64 -7.53 -24.85
C PHE A 112 -4.03 -6.92 -24.74
N GLY A 113 -4.16 -5.60 -24.62
CA GLY A 113 -5.47 -4.98 -24.57
C GLY A 113 -6.07 -4.78 -25.94
N PRO A 114 -5.37 -4.03 -26.80
CA PRO A 114 -5.85 -3.89 -28.19
C PRO A 114 -6.07 -5.22 -28.88
N TRP A 115 -5.22 -6.21 -28.58
CA TRP A 115 -5.49 -7.57 -29.06
C TRP A 115 -6.77 -8.10 -28.45
N SER A 116 -6.99 -7.82 -27.16
CA SER A 116 -8.15 -8.37 -26.48
C SER A 116 -9.45 -7.90 -27.12
N ASP A 117 -9.49 -6.64 -27.57
CA ASP A 117 -10.71 -6.19 -28.20
C ASP A 117 -10.92 -6.82 -29.58
N SER A 118 -9.94 -7.56 -30.09
CA SER A 118 -10.07 -8.24 -31.37
C SER A 118 -10.24 -9.74 -31.25
N VAL A 119 -9.91 -10.33 -30.10
CA VAL A 119 -10.10 -11.77 -29.91
C VAL A 119 -11.00 -12.11 -28.74
N GLY A 120 -11.15 -11.24 -27.76
CA GLY A 120 -12.02 -11.50 -26.62
C GLY A 120 -11.40 -11.07 -25.32
N ARG A 121 -12.18 -11.07 -24.24
CA ARG A 121 -11.67 -10.67 -22.93
C ARG A 121 -11.28 -11.84 -22.06
N ARG A 122 -11.73 -13.05 -22.36
CA ARG A 122 -11.36 -14.20 -21.54
C ARG A 122 -9.87 -14.50 -21.60
N PRO A 123 -9.22 -14.58 -22.77
CA PRO A 123 -7.77 -14.86 -22.76
C PRO A 123 -6.97 -13.84 -21.98
N VAL A 124 -7.35 -12.56 -22.08
CA VAL A 124 -6.61 -11.48 -21.45
C VAL A 124 -7.01 -11.27 -20.00
N LEU A 125 -7.98 -12.04 -19.50
CA LEU A 125 -8.23 -12.12 -18.07
C LEU A 125 -7.72 -13.42 -17.47
N VAL A 126 -7.35 -14.39 -18.29
CA VAL A 126 -6.76 -15.64 -17.83
C VAL A 126 -5.24 -15.55 -17.77
N LEU A 127 -4.63 -14.95 -18.78
CA LEU A 127 -3.17 -14.81 -18.78
C LEU A 127 -2.65 -14.02 -17.59
N PRO A 128 -3.16 -12.83 -17.26
CA PRO A 128 -2.60 -12.09 -16.13
C PRO A 128 -2.84 -12.75 -14.79
N ALA A 129 -3.95 -13.45 -14.62
CA ALA A 129 -4.16 -14.18 -13.37
C ALA A 129 -3.14 -15.29 -13.20
N VAL A 130 -2.81 -15.98 -14.29
CA VAL A 130 -1.76 -16.98 -14.25
C VAL A 130 -0.42 -16.34 -13.92
N GLY A 131 -0.13 -15.18 -14.51
CA GLY A 131 1.10 -14.48 -14.19
C GLY A 131 1.17 -14.06 -12.73
N MET A 132 0.04 -13.60 -12.17
CA MET A 132 0.00 -13.24 -10.77
C MET A 132 0.19 -14.47 -9.88
N ALA A 133 -0.40 -15.60 -10.25
CA ALA A 133 -0.17 -16.83 -9.50
C ALA A 133 1.30 -17.23 -9.56
N VAL A 134 1.93 -17.04 -10.71
CA VAL A 134 3.34 -17.42 -10.85
C VAL A 134 4.23 -16.50 -10.03
N GLN A 135 3.95 -15.20 -9.99
CA GLN A 135 4.77 -14.34 -9.15
C GLN A 135 4.51 -14.63 -7.68
N ALA A 136 3.29 -15.02 -7.33
CA ALA A 136 3.01 -15.41 -5.95
C ALA A 136 3.81 -16.66 -5.59
N ALA A 137 3.88 -17.63 -6.50
CA ALA A 137 4.67 -18.83 -6.25
C ALA A 137 6.16 -18.50 -6.13
N VAL A 138 6.68 -17.62 -6.98
CA VAL A 138 8.08 -17.24 -6.88
C VAL A 138 8.35 -16.50 -5.57
N TYR A 139 7.44 -15.62 -5.18
CA TYR A 139 7.59 -14.91 -3.91
C TYR A 139 7.58 -15.88 -2.75
N LEU A 140 6.69 -16.86 -2.78
CA LEU A 140 6.66 -17.87 -1.72
C LEU A 140 7.95 -18.67 -1.69
N LEU A 141 8.48 -19.01 -2.87
CA LEU A 141 9.73 -19.76 -2.92
C LEU A 141 10.88 -18.96 -2.34
N VAL A 142 10.90 -17.65 -2.60
CA VAL A 142 11.97 -16.82 -2.04
C VAL A 142 11.79 -16.65 -0.54
N MET A 143 10.57 -16.41 -0.09
CA MET A 143 10.33 -16.22 1.34
C MET A 143 10.64 -17.49 2.14
N TYR A 144 10.23 -18.65 1.63
CA TYR A 144 10.46 -19.89 2.35
C TYR A 144 11.92 -20.29 2.31
N LEU A 145 12.62 -20.03 1.21
CA LEU A 145 14.04 -20.35 1.09
C LEU A 145 14.94 -19.22 1.52
N ARG A 146 14.38 -18.07 1.90
CA ARG A 146 15.16 -16.91 2.36
C ARG A 146 16.19 -16.50 1.31
N LEU A 147 15.80 -16.53 0.05
CA LEU A 147 16.72 -16.20 -1.03
C LEU A 147 16.89 -14.69 -1.12
N HIS A 148 17.86 -14.29 -1.94
CA HIS A 148 18.16 -12.88 -2.14
C HIS A 148 16.93 -12.14 -2.68
N VAL A 149 16.78 -10.89 -2.25
CA VAL A 149 15.62 -10.09 -2.64
C VAL A 149 15.60 -9.76 -4.12
N ALA A 150 16.68 -10.02 -4.84
CA ALA A 150 16.70 -9.78 -6.28
C ALA A 150 15.87 -10.80 -7.05
N TYR A 151 15.59 -11.97 -6.46
CA TYR A 151 14.72 -12.92 -7.12
C TYR A 151 13.25 -12.52 -7.04
N LEU A 152 12.91 -11.56 -6.18
CA LEU A 152 11.58 -10.97 -6.24
C LEU A 152 11.39 -10.24 -7.56
N LEU A 153 12.46 -9.60 -8.05
CA LEU A 153 12.40 -8.93 -9.35
C LEU A 153 12.14 -9.93 -10.47
N LEU A 154 12.64 -11.16 -10.33
CA LEU A 154 12.38 -12.19 -11.33
C LEU A 154 10.90 -12.51 -11.40
N GLY A 155 10.25 -12.68 -10.25
CA GLY A 155 8.82 -12.94 -10.26
C GLY A 155 8.03 -11.75 -10.77
N ARG A 156 8.46 -10.54 -10.41
CA ARG A 156 7.78 -9.35 -10.91
C ARG A 156 7.85 -9.24 -12.42
N ILE A 157 9.02 -9.53 -13.00
CA ILE A 157 9.16 -9.46 -14.45
C ILE A 157 8.40 -10.60 -15.12
N ILE A 158 8.41 -11.79 -14.54
CA ILE A 158 7.69 -12.92 -15.13
C ILE A 158 6.19 -12.65 -15.16
N SER A 159 5.66 -12.07 -14.09
CA SER A 159 4.25 -11.69 -14.11
C SER A 159 4.00 -10.52 -15.06
N GLY A 160 4.93 -9.57 -15.10
CA GLY A 160 4.74 -8.40 -15.92
C GLY A 160 4.69 -8.69 -17.41
N LEU A 161 5.47 -9.68 -17.85
CA LEU A 161 5.46 -10.06 -19.26
C LEU A 161 4.09 -10.59 -19.67
N LEU A 162 3.49 -11.41 -18.83
CA LEU A 162 2.17 -11.97 -19.10
C LEU A 162 1.05 -10.98 -18.86
N GLY A 163 1.37 -9.70 -18.68
CA GLY A 163 0.38 -8.77 -18.22
C GLY A 163 0.21 -8.94 -16.72
N ASP A 164 0.06 -7.84 -15.99
CA ASP A 164 0.02 -7.92 -14.55
C ASP A 164 -1.36 -7.51 -14.07
N TYR A 165 -1.49 -7.27 -12.76
CA TYR A 165 -2.77 -6.77 -12.24
C TYR A 165 -3.29 -5.59 -13.04
N ASN A 166 -2.40 -4.84 -13.69
CA ASN A 166 -2.86 -3.77 -14.59
C ASN A 166 -3.70 -4.33 -15.72
N LEU A 167 -3.34 -5.50 -16.24
CA LEU A 167 -4.11 -6.08 -17.34
C LEU A 167 -5.42 -6.69 -16.85
N ILE A 168 -5.45 -7.24 -15.63
CA ILE A 168 -6.72 -7.61 -15.04
C ILE A 168 -7.64 -6.40 -14.96
N LEU A 169 -7.10 -5.27 -14.52
CA LEU A 169 -7.89 -4.04 -14.42
C LEU A 169 -8.41 -3.62 -15.79
N ALA A 170 -7.53 -3.61 -16.79
CA ALA A 170 -7.94 -3.19 -18.13
C ALA A 170 -8.98 -4.13 -18.72
N GLY A 171 -8.78 -5.43 -18.58
CA GLY A 171 -9.74 -6.39 -19.12
C GLY A 171 -11.08 -6.30 -18.42
N CYS A 172 -11.08 -6.13 -17.09
CA CYS A 172 -12.34 -6.04 -16.36
C CYS A 172 -13.11 -4.79 -16.75
N PHE A 173 -12.41 -3.65 -16.86
CA PHE A 173 -13.10 -2.43 -17.23
C PHE A 173 -13.58 -2.47 -18.68
N ALA A 174 -12.80 -3.09 -19.57
CA ALA A 174 -13.25 -3.22 -20.95
C ALA A 174 -14.45 -4.17 -21.04
N SER A 175 -14.48 -5.21 -20.22
CA SER A 175 -15.64 -6.10 -20.21
C SER A 175 -16.89 -5.39 -19.72
N VAL A 176 -16.74 -4.54 -18.70
CA VAL A 176 -17.87 -3.76 -18.23
C VAL A 176 -18.30 -2.72 -19.26
N ALA A 177 -17.34 -2.18 -20.01
CA ALA A 177 -17.67 -1.22 -21.05
C ALA A 177 -18.31 -1.88 -22.26
N ASP A 178 -18.05 -3.17 -22.47
CA ASP A 178 -18.61 -3.90 -23.59
C ASP A 178 -19.93 -4.59 -23.27
N SER A 179 -20.40 -4.51 -22.04
CA SER A 179 -21.65 -5.14 -21.63
C SER A 179 -22.54 -4.16 -20.88
N SER A 180 -22.63 -2.93 -21.37
CA SER A 180 -23.49 -1.93 -20.76
C SER A 180 -23.83 -0.86 -21.79
N ASN A 181 -24.90 -0.13 -21.54
CA ASN A 181 -25.37 0.90 -22.46
C ASN A 181 -24.42 2.10 -22.39
N GLN A 182 -24.79 3.17 -23.08
CA GLN A 182 -24.04 4.41 -22.94
C GLN A 182 -24.36 5.10 -21.61
N ARG A 183 -25.63 5.07 -21.20
CA ARG A 183 -26.04 5.75 -19.98
C ARG A 183 -25.63 4.99 -18.73
N THR A 184 -25.49 3.68 -18.80
CA THR A 184 -25.27 2.84 -17.63
C THR A 184 -23.79 2.62 -17.34
N ARG A 185 -22.89 3.19 -18.14
CA ARG A 185 -21.48 2.93 -17.95
C ARG A 185 -20.94 3.54 -16.67
N THR A 186 -21.38 4.74 -16.30
CA THR A 186 -20.90 5.36 -15.06
C THR A 186 -21.22 4.47 -13.87
N PHE A 187 -22.47 4.02 -13.76
CA PHE A 187 -22.87 3.22 -12.61
C PHE A 187 -22.25 1.84 -12.65
N ARG A 188 -22.17 1.20 -13.83
CA ARG A 188 -21.62 -0.14 -13.89
C ARG A 188 -20.10 -0.16 -13.80
N VAL A 189 -19.45 0.99 -13.97
CA VAL A 189 -18.04 1.10 -13.65
C VAL A 189 -17.84 1.40 -12.17
N ALA A 190 -18.74 2.20 -11.59
CA ALA A 190 -18.67 2.46 -10.16
C ALA A 190 -18.89 1.18 -9.36
N ILE A 191 -19.77 0.30 -9.83
CA ILE A 191 -20.00 -0.97 -9.14
C ILE A 191 -18.71 -1.78 -9.10
N LEU A 192 -18.04 -1.88 -10.23
CA LEU A 192 -16.82 -2.68 -10.29
C LEU A 192 -15.70 -2.06 -9.47
N GLU A 193 -15.66 -0.72 -9.43
CA GLU A 193 -14.61 0.01 -8.64
C GLU A 193 -14.91 -0.15 -7.17
N ALA A 194 -16.18 -0.22 -6.80
CA ALA A 194 -16.55 -0.49 -5.42
C ALA A 194 -16.15 -1.90 -5.01
N CYS A 195 -16.28 -2.86 -5.92
CA CYS A 195 -15.77 -4.20 -5.66
C CYS A 195 -14.24 -4.18 -5.47
N LEU A 196 -13.55 -3.40 -6.30
CA LEU A 196 -12.12 -3.17 -6.14
C LEU A 196 -11.78 -2.71 -4.72
N GLY A 197 -12.51 -1.70 -4.23
CA GLY A 197 -12.23 -1.17 -2.91
C GLY A 197 -12.65 -2.08 -1.77
N VAL A 198 -13.72 -2.86 -1.97
CA VAL A 198 -14.08 -3.85 -0.96
C VAL A 198 -12.99 -4.90 -0.83
N ALA A 199 -12.43 -5.33 -1.96
CA ALA A 199 -11.28 -6.23 -1.93
C ALA A 199 -10.11 -5.57 -1.21
N GLY A 200 -9.89 -4.28 -1.47
CA GLY A 200 -8.83 -3.57 -0.75
C GLY A 200 -9.05 -3.55 0.75
N MET A 201 -10.29 -3.31 1.19
CA MET A 201 -10.59 -3.32 2.62
C MET A 201 -10.38 -4.69 3.22
N VAL A 202 -10.82 -5.74 2.52
CA VAL A 202 -10.64 -7.09 3.02
C VAL A 202 -9.16 -7.40 3.16
N ALA A 203 -8.35 -7.00 2.18
CA ALA A 203 -6.90 -7.17 2.31
C ALA A 203 -6.38 -6.41 3.51
N SER A 204 -6.77 -5.14 3.66
CA SER A 204 -6.19 -4.29 4.70
C SER A 204 -6.54 -4.75 6.10
N VAL A 205 -7.75 -5.26 6.33
CA VAL A 205 -8.17 -5.66 7.67
C VAL A 205 -8.29 -7.17 7.81
N GLY A 206 -7.76 -7.95 6.87
CA GLY A 206 -7.71 -9.38 7.04
C GLY A 206 -6.32 -9.91 6.74
N GLY A 207 -5.42 -9.02 6.36
CA GLY A 207 -4.01 -9.33 6.33
C GLY A 207 -3.33 -8.33 7.23
N GLY A 208 -4.09 -7.34 7.68
CA GLY A 208 -3.60 -6.44 8.70
C GLY A 208 -3.53 -7.14 10.04
N GLN A 209 -4.61 -7.81 10.44
CA GLN A 209 -4.62 -8.59 11.67
C GLN A 209 -4.16 -10.03 11.47
N TRP A 210 -3.80 -10.41 10.25
CA TRP A 210 -3.16 -11.70 10.01
C TRP A 210 -1.65 -11.58 9.85
N ARG A 211 -1.18 -10.48 9.27
CA ARG A 211 0.26 -10.24 9.16
C ARG A 211 0.88 -9.96 10.51
N LYS A 212 0.10 -9.44 11.46
CA LYS A 212 0.60 -9.25 12.81
C LYS A 212 0.77 -10.59 13.53
N ALA A 213 -0.23 -11.47 13.41
CA ALA A 213 -0.23 -12.74 14.13
C ALA A 213 0.35 -13.81 13.24
N GLU A 214 1.61 -14.16 13.48
CA GLU A 214 2.34 -15.17 12.70
C GLU A 214 2.29 -14.85 11.20
N GLY A 215 2.51 -13.58 10.90
CA GLY A 215 2.34 -13.10 9.54
C GLY A 215 3.57 -13.26 8.69
N TYR A 216 3.58 -12.57 7.55
CA TYR A 216 4.72 -12.48 6.64
C TYR A 216 5.01 -13.74 5.84
N ILE A 217 4.45 -14.88 6.20
CA ILE A 217 4.50 -16.04 5.33
C ILE A 217 3.13 -16.67 5.21
N ASN A 218 2.53 -17.01 6.35
CA ASN A 218 1.20 -17.61 6.35
C ASN A 218 0.16 -16.77 5.64
N PRO A 219 0.06 -15.44 5.83
CA PRO A 219 -0.88 -14.67 5.02
C PRO A 219 -0.54 -14.63 3.56
N PHE A 220 0.69 -15.01 3.18
CA PHE A 220 1.04 -14.95 1.77
C PHE A 220 0.45 -16.11 0.97
N TRP A 221 0.06 -17.19 1.66
CA TRP A 221 -0.60 -18.29 0.96
C TRP A 221 -1.95 -17.86 0.43
N LEU A 222 -2.54 -16.80 0.99
CA LEU A 222 -3.80 -16.28 0.46
C LEU A 222 -3.60 -15.54 -0.85
N VAL A 223 -2.39 -15.01 -1.09
CA VAL A 223 -2.10 -14.37 -2.37
C VAL A 223 -2.10 -15.40 -3.49
N LEU A 224 -1.38 -16.50 -3.28
CA LEU A 224 -1.38 -17.57 -4.27
C LEU A 224 -2.77 -18.19 -4.41
N ALA A 225 -3.48 -18.37 -3.30
CA ALA A 225 -4.82 -18.93 -3.37
C ALA A 225 -5.76 -18.01 -4.13
N ALA A 226 -5.70 -16.70 -3.85
CA ALA A 226 -6.57 -15.75 -4.55
C ALA A 226 -6.25 -15.70 -6.03
N SER A 227 -4.96 -15.70 -6.38
CA SER A 227 -4.58 -15.66 -7.79
C SER A 227 -5.00 -16.92 -8.53
N LEU A 228 -4.81 -18.09 -7.90
CA LEU A 228 -5.27 -19.32 -8.53
C LEU A 228 -6.78 -19.35 -8.67
N ALA A 229 -7.50 -18.87 -7.67
CA ALA A 229 -8.95 -18.81 -7.76
C ALA A 229 -9.39 -17.89 -8.88
N ALA A 230 -8.71 -16.74 -9.04
CA ALA A 230 -9.03 -15.85 -10.14
C ALA A 230 -8.75 -16.49 -11.50
N ALA A 231 -7.61 -17.19 -11.62
CA ALA A 231 -7.30 -17.85 -12.87
C ALA A 231 -8.33 -18.90 -13.23
N LEU A 232 -8.72 -19.72 -12.25
CA LEU A 232 -9.73 -20.76 -12.51
C LEU A 232 -11.09 -20.14 -12.81
N TYR A 233 -11.48 -19.09 -12.10
CA TYR A 233 -12.76 -18.45 -12.34
C TYR A 233 -12.81 -17.83 -13.73
N ALA A 234 -11.73 -17.18 -14.16
CA ALA A 234 -11.70 -16.60 -15.50
C ALA A 234 -11.71 -17.69 -16.56
N ALA A 235 -10.90 -18.74 -16.39
CA ALA A 235 -10.78 -19.76 -17.42
C ALA A 235 -12.04 -20.61 -17.55
N LEU A 236 -12.79 -20.78 -16.46
CA LEU A 236 -13.91 -21.71 -16.46
C LEU A 236 -15.26 -21.01 -16.31
N CYS A 237 -15.39 -20.10 -15.35
CA CYS A 237 -16.69 -19.60 -14.93
C CYS A 237 -17.00 -18.20 -15.48
N LEU A 238 -16.09 -17.61 -16.26
CA LEU A 238 -16.30 -16.28 -16.82
C LEU A 238 -16.98 -16.38 -18.18
N GLN A 239 -17.81 -15.38 -18.49
CA GLN A 239 -18.54 -15.33 -19.74
C GLN A 239 -17.98 -14.23 -20.62
N GLU A 240 -17.65 -14.57 -21.86
CA GLU A 240 -17.04 -13.62 -22.77
C GLU A 240 -18.08 -12.61 -23.25
N THR A 241 -17.64 -11.35 -23.37
CA THR A 241 -18.54 -10.25 -23.70
C THR A 241 -18.29 -9.61 -25.06
N VAL A 242 -17.12 -9.81 -25.65
CA VAL A 242 -16.88 -9.31 -27.01
C VAL A 242 -17.82 -10.06 -27.94
N LYS A 243 -18.75 -9.32 -28.57
CA LYS A 243 -19.84 -9.96 -29.29
C LYS A 243 -19.36 -10.63 -30.56
N GLN A 244 -18.81 -9.85 -31.50
CA GLN A 244 -18.28 -10.39 -32.74
C GLN A 244 -16.76 -10.46 -32.59
N ARG A 245 -16.27 -11.64 -32.21
CA ARG A 245 -14.84 -11.84 -32.04
C ARG A 245 -14.20 -12.10 -33.40
N ARG A 246 -13.23 -11.28 -33.76
CA ARG A 246 -12.55 -11.42 -35.03
C ARG A 246 -11.32 -12.30 -34.87
N ALA A 247 -10.48 -12.36 -35.90
CA ALA A 247 -9.24 -13.12 -35.88
C ALA A 247 -8.09 -12.14 -35.97
N ALA A 248 -7.32 -12.03 -34.89
CA ALA A 248 -6.21 -11.09 -34.84
C ALA A 248 -4.94 -11.84 -34.44
N LYS A 249 -3.81 -11.28 -34.85
CA LYS A 249 -2.52 -11.86 -34.57
C LYS A 249 -1.85 -11.08 -33.45
N LEU A 250 -1.50 -11.76 -32.37
CA LEU A 250 -0.65 -11.16 -31.35
C LEU A 250 0.74 -10.93 -31.93
N LEU A 251 1.44 -9.93 -31.38
CA LEU A 251 2.75 -9.54 -31.86
C LEU A 251 2.68 -9.08 -33.32
N THR A 252 1.94 -8.01 -33.55
CA THR A 252 1.72 -7.49 -34.89
C THR A 252 2.18 -6.06 -35.08
N LEU A 253 2.26 -5.26 -34.02
CA LEU A 253 2.54 -3.82 -33.99
C LEU A 253 1.30 -3.01 -34.38
N GLN A 254 0.18 -3.66 -34.69
CA GLN A 254 -1.09 -2.98 -34.80
C GLN A 254 -1.80 -2.91 -33.47
N HIS A 255 -1.15 -3.35 -32.40
CA HIS A 255 -1.62 -3.18 -31.03
C HIS A 255 -0.99 -1.98 -30.34
N TYR A 256 0.28 -1.70 -30.61
CA TYR A 256 0.86 -0.44 -30.16
C TYR A 256 0.39 0.74 -31.00
N LYS A 257 0.05 0.49 -32.26
CA LYS A 257 -0.48 1.55 -33.11
C LYS A 257 -1.92 1.90 -32.77
N ALA A 258 -2.65 0.97 -32.16
CA ALA A 258 -4.06 1.17 -31.88
C ALA A 258 -4.33 1.98 -30.63
N VAL A 259 -3.30 2.35 -29.88
CA VAL A 259 -3.46 3.28 -28.76
C VAL A 259 -2.99 4.66 -29.20
N TYR A 260 -2.09 4.70 -30.18
CA TYR A 260 -1.69 5.98 -30.75
C TYR A 260 -2.78 6.55 -31.66
N LYS A 261 -3.35 5.69 -32.51
CA LYS A 261 -4.48 6.08 -33.35
C LYS A 261 -5.77 5.86 -32.58
N LEU A 262 -5.72 6.31 -31.36
CA LEU A 262 -6.78 6.50 -30.38
C LEU A 262 -6.69 7.86 -29.74
N TYR A 263 -5.48 8.35 -29.49
CA TYR A 263 -5.24 9.62 -28.84
C TYR A 263 -4.90 10.73 -29.81
N THR A 264 -4.21 10.42 -30.92
CA THR A 264 -3.74 11.47 -31.80
C THR A 264 -4.43 11.50 -33.14
N ALA A 265 -4.61 10.36 -33.79
CA ALA A 265 -5.14 10.40 -35.14
C ALA A 265 -6.66 10.63 -35.18
N PRO A 266 -7.48 9.75 -34.59
CA PRO A 266 -8.92 9.83 -34.85
C PRO A 266 -9.67 10.71 -33.86
N GLU A 267 -11.00 10.75 -34.01
CA GLU A 267 -11.88 11.49 -33.11
C GLU A 267 -11.57 12.99 -33.13
N ASP A 268 -11.29 13.50 -34.33
CA ASP A 268 -10.87 14.89 -34.48
C ASP A 268 -11.95 15.88 -34.08
N LEU A 269 -13.22 15.44 -34.02
CA LEU A 269 -14.35 16.35 -33.85
C LEU A 269 -14.48 16.79 -32.39
N SER A 270 -13.45 17.51 -31.93
CA SER A 270 -13.37 18.10 -30.59
C SER A 270 -13.44 17.07 -29.47
N SER A 271 -13.38 15.79 -29.81
CA SER A 271 -13.32 14.71 -28.82
C SER A 271 -11.92 14.13 -28.72
N ARG A 272 -10.92 14.81 -29.26
CA ARG A 272 -9.53 14.44 -29.11
C ARG A 272 -8.83 15.24 -28.03
N ARG A 273 -9.22 16.49 -27.84
CA ARG A 273 -8.73 17.27 -26.72
C ARG A 273 -9.27 16.72 -25.41
N LYS A 274 -10.53 16.28 -25.41
CA LYS A 274 -11.14 15.78 -24.18
C LYS A 274 -10.50 14.50 -23.71
N LEU A 275 -9.98 13.67 -24.63
CA LEU A 275 -9.25 12.48 -24.21
C LEU A 275 -8.01 12.85 -23.42
N ALA A 276 -7.23 13.81 -23.92
CA ALA A 276 -6.03 14.25 -23.22
C ALA A 276 -6.39 14.89 -21.89
N LEU A 277 -7.40 15.75 -21.87
CA LEU A 277 -7.77 16.42 -20.63
C LEU A 277 -8.29 15.44 -19.58
N TYR A 278 -9.13 14.48 -19.99
CA TYR A 278 -9.61 13.50 -19.03
C TYR A 278 -8.49 12.57 -18.56
N SER A 279 -7.54 12.25 -19.43
CA SER A 279 -6.38 11.48 -18.98
C SER A 279 -5.56 12.25 -17.96
N LEU A 280 -5.40 13.55 -18.17
CA LEU A 280 -4.69 14.39 -17.20
C LEU A 280 -5.44 14.43 -15.86
N ALA A 281 -6.75 14.64 -15.91
CA ALA A 281 -7.54 14.67 -14.69
C ALA A 281 -7.46 13.34 -13.95
N PHE A 282 -7.55 12.23 -14.69
CA PHE A 282 -7.44 10.90 -14.08
C PHE A 282 -6.07 10.70 -13.46
N PHE A 283 -5.01 11.12 -14.16
CA PHE A 283 -3.66 11.00 -13.63
C PHE A 283 -3.54 11.71 -12.30
N LEU A 284 -3.94 12.98 -12.24
CA LEU A 284 -3.80 13.74 -11.00
C LEU A 284 -4.67 13.17 -9.89
N LEU A 285 -5.90 12.77 -10.22
CA LEU A 285 -6.82 12.29 -9.20
C LEU A 285 -6.33 10.99 -8.57
N VAL A 286 -5.94 10.01 -9.38
CA VAL A 286 -5.51 8.76 -8.77
C VAL A 286 -4.12 8.90 -8.17
N THR A 287 -3.30 9.83 -8.65
CA THR A 287 -2.04 10.12 -7.97
C THR A 287 -2.29 10.59 -6.55
N VAL A 288 -3.22 11.54 -6.39
CA VAL A 288 -3.53 12.05 -5.07
C VAL A 288 -4.07 10.93 -4.18
N HIS A 289 -4.98 10.10 -4.71
CA HIS A 289 -5.54 9.01 -3.90
C HIS A 289 -4.44 8.06 -3.45
N PHE A 290 -3.59 7.63 -4.38
CA PHE A 290 -2.56 6.64 -4.06
C PHE A 290 -1.58 7.17 -3.04
N GLY A 291 -1.15 8.43 -3.17
CA GLY A 291 -0.24 8.99 -2.19
C GLY A 291 -0.87 9.14 -0.82
N THR A 292 -2.11 9.64 -0.78
CA THR A 292 -2.71 9.95 0.50
C THR A 292 -3.14 8.71 1.27
N LYS A 293 -3.37 7.56 0.63
CA LYS A 293 -3.65 6.36 1.42
C LYS A 293 -2.43 5.95 2.26
N ASP A 294 -1.26 5.87 1.61
CA ASP A 294 -0.04 5.52 2.32
C ASP A 294 0.25 6.52 3.41
N LEU A 295 0.27 7.83 3.17
CA LEU A 295 0.62 8.69 4.31
C LEU A 295 -0.40 8.52 5.43
N TYR A 296 -1.56 7.96 5.20
CA TYR A 296 -2.60 7.91 6.26
C TYR A 296 -2.12 7.19 7.51
N VAL A 297 -1.68 5.93 7.51
CA VAL A 297 -1.15 5.30 8.77
C VAL A 297 0.11 5.96 9.30
N LEU A 298 1.06 6.41 8.50
CA LEU A 298 2.25 7.12 9.04
C LEU A 298 1.79 8.36 9.78
N TYR A 299 0.70 8.98 9.36
CA TYR A 299 0.16 10.19 10.03
C TYR A 299 -0.59 9.76 11.28
N GLU A 300 -1.46 8.79 11.17
CA GLU A 300 -2.30 8.37 12.29
C GLU A 300 -1.41 7.98 13.43
N LEU A 301 -0.40 7.16 13.21
CA LEU A 301 0.46 6.91 14.36
C LEU A 301 1.62 7.91 14.45
N GLY A 302 1.28 9.19 14.38
CA GLY A 302 2.24 10.28 14.39
C GLY A 302 2.51 10.80 15.78
N SER A 303 2.88 12.07 15.86
CA SER A 303 3.28 12.68 17.12
C SER A 303 2.10 13.14 17.98
N PRO A 304 1.13 13.92 17.45
CA PRO A 304 0.03 14.36 18.31
C PRO A 304 -1.18 13.44 18.25
N LEU A 305 -1.15 12.46 17.35
CA LEU A 305 -2.21 11.47 17.29
C LEU A 305 -1.86 10.23 18.10
N CYS A 306 -0.76 9.57 17.77
CA CYS A 306 -0.28 8.39 18.48
C CYS A 306 -1.40 7.35 18.63
N TRP A 307 -1.97 6.96 17.51
CA TRP A 307 -3.07 6.01 17.50
C TRP A 307 -2.57 4.61 17.85
N ALA A 308 -3.44 3.84 18.50
CA ALA A 308 -3.11 2.47 18.89
C ALA A 308 -3.30 1.56 17.69
N SER A 309 -3.28 0.25 17.93
CA SER A 309 -3.42 -0.70 16.84
C SER A 309 -4.87 -0.83 16.38
N ASP A 310 -5.82 -0.60 17.28
CA ASP A 310 -7.24 -0.73 16.91
C ASP A 310 -7.74 0.54 16.22
N LEU A 311 -7.29 1.71 16.68
CA LEU A 311 -7.74 2.95 16.08
C LEU A 311 -7.34 3.03 14.62
N ILE A 312 -6.13 2.58 14.28
CA ILE A 312 -5.72 2.62 12.89
C ILE A 312 -6.42 1.54 12.08
N GLY A 313 -6.84 0.44 12.71
CA GLY A 313 -7.69 -0.50 12.01
C GLY A 313 -9.05 0.09 11.64
N TYR A 314 -9.66 0.79 12.59
CA TYR A 314 -10.89 1.52 12.29
C TYR A 314 -10.65 2.58 11.23
N GLY A 315 -9.49 3.23 11.27
CA GLY A 315 -9.17 4.22 10.25
C GLY A 315 -9.07 3.62 8.86
N SER A 316 -8.39 2.47 8.73
CA SER A 316 -8.30 1.81 7.44
C SER A 316 -9.68 1.37 6.96
N ALA A 317 -10.49 0.81 7.85
CA ALA A 317 -11.84 0.41 7.46
C ALA A 317 -12.65 1.61 6.99
N ALA A 318 -12.62 2.71 7.75
CA ALA A 318 -13.39 3.89 7.37
C ALA A 318 -12.88 4.51 6.09
N SER A 319 -11.58 4.38 5.81
CA SER A 319 -11.05 4.84 4.54
C SER A 319 -11.56 3.99 3.38
N TYR A 320 -11.70 2.69 3.59
CA TYR A 320 -12.16 1.78 2.55
C TYR A 320 -13.66 1.51 2.60
N LEU A 321 -14.41 2.33 3.28
CA LEU A 321 -15.89 2.21 3.17
C LEU A 321 -16.34 3.40 2.31
N ALA A 322 -15.48 4.37 2.02
CA ALA A 322 -15.81 5.49 1.12
C ALA A 322 -16.17 4.92 -0.23
N TYR A 323 -15.49 3.86 -0.67
CA TYR A 323 -15.79 3.18 -1.96
C TYR A 323 -17.28 2.83 -1.99
N LEU A 324 -17.77 2.05 -1.05
CA LEU A 324 -19.18 1.66 -1.20
C LEU A 324 -20.09 2.85 -0.88
N SER A 325 -19.69 3.74 -0.01
CA SER A 325 -20.64 4.84 0.29
C SER A 325 -20.80 5.67 -0.96
N SER A 326 -19.79 5.78 -1.81
CA SER A 326 -19.85 6.54 -3.08
C SER A 326 -20.56 5.75 -4.18
N LEU A 327 -20.40 4.42 -4.26
CA LEU A 327 -21.23 3.60 -5.19
C LEU A 327 -22.68 3.87 -4.81
N GLY A 328 -22.92 4.28 -3.57
CA GLY A 328 -24.30 4.67 -3.22
C GLY A 328 -24.62 6.11 -3.56
N GLY A 329 -23.76 7.05 -3.20
CA GLY A 329 -23.97 8.47 -3.50
C GLY A 329 -23.96 8.75 -4.98
N LEU A 330 -23.14 8.03 -5.74
CA LEU A 330 -23.15 8.16 -7.20
C LEU A 330 -24.49 7.74 -7.76
N ARG A 331 -24.97 6.56 -7.37
CA ARG A 331 -26.25 6.08 -7.90
C ARG A 331 -27.41 6.96 -7.46
N LEU A 332 -27.34 7.52 -6.25
CA LEU A 332 -28.42 8.38 -5.78
C LEU A 332 -28.40 9.74 -6.44
N LEU A 333 -27.20 10.32 -6.61
CA LEU A 333 -27.09 11.67 -7.15
C LEU A 333 -27.39 11.74 -8.64
N GLN A 334 -27.25 10.62 -9.36
CA GLN A 334 -27.56 10.61 -10.78
C GLN A 334 -29.06 10.80 -11.05
N LEU A 335 -29.89 10.71 -10.03
CA LEU A 335 -31.32 10.95 -10.17
C LEU A 335 -31.67 12.42 -10.33
N CYS A 336 -30.75 13.33 -10.03
CA CYS A 336 -31.06 14.75 -10.11
C CYS A 336 -30.02 15.51 -10.92
N LEU A 337 -28.78 15.04 -10.91
CA LEU A 337 -27.67 15.72 -11.56
C LEU A 337 -27.21 14.97 -12.80
N GLU A 338 -26.34 15.61 -13.57
CA GLU A 338 -25.63 14.91 -14.62
C GLU A 338 -24.57 14.02 -14.00
N ASP A 339 -23.83 13.31 -14.84
CA ASP A 339 -22.79 12.42 -14.33
C ASP A 339 -21.46 13.12 -14.13
N THR A 340 -21.36 14.41 -14.44
CA THR A 340 -20.13 15.15 -14.21
C THR A 340 -20.17 15.94 -12.90
N TRP A 341 -21.30 16.61 -12.62
CA TRP A 341 -21.41 17.32 -11.36
C TRP A 341 -21.37 16.38 -10.18
N VAL A 342 -21.72 15.10 -10.38
CA VAL A 342 -21.50 14.11 -9.33
C VAL A 342 -20.02 14.00 -9.02
N ALA A 343 -19.17 14.03 -10.06
CA ALA A 343 -17.73 13.99 -9.82
C ALA A 343 -17.22 15.31 -9.24
N GLU A 344 -17.84 16.44 -9.60
CA GLU A 344 -17.45 17.70 -8.96
C GLU A 344 -17.75 17.66 -7.46
N ILE A 345 -18.90 17.08 -7.09
CA ILE A 345 -19.22 16.91 -5.69
C ILE A 345 -18.26 15.95 -5.02
N GLY A 346 -17.88 14.87 -5.71
CA GLY A 346 -16.89 13.95 -5.18
C GLY A 346 -15.55 14.62 -4.93
N LEU A 347 -15.14 15.56 -5.77
CA LEU A 347 -13.81 16.19 -5.62
C LEU A 347 -13.90 17.21 -4.48
N ILE A 348 -15.03 17.84 -4.24
CA ILE A 348 -15.17 18.74 -3.06
C ILE A 348 -15.21 17.89 -1.80
N SER A 349 -15.82 16.72 -1.79
CA SER A 349 -15.70 15.84 -0.61
C SER A 349 -14.25 15.42 -0.40
N ASN A 350 -13.51 15.05 -1.43
CA ASN A 350 -12.08 14.73 -1.20
C ASN A 350 -11.36 15.98 -0.70
N ILE A 351 -11.58 17.17 -1.21
CA ILE A 351 -10.78 18.33 -0.74
C ILE A 351 -11.20 18.64 0.69
N ALA A 352 -12.46 18.55 1.06
CA ALA A 352 -12.80 18.91 2.45
C ALA A 352 -12.21 17.87 3.38
N GLY A 353 -12.17 16.63 2.95
CA GLY A 353 -11.53 15.62 3.80
C GLY A 353 -10.06 15.83 3.91
N LEU A 354 -9.34 16.08 2.82
CA LEU A 354 -7.87 16.16 2.84
C LEU A 354 -7.43 17.50 3.41
N VAL A 355 -8.28 18.53 3.45
CA VAL A 355 -7.91 19.72 4.20
C VAL A 355 -8.19 19.53 5.69
N VAL A 356 -9.30 18.86 6.03
CA VAL A 356 -9.60 18.60 7.43
C VAL A 356 -8.55 17.66 8.04
N ILE A 357 -8.19 16.59 7.33
CA ILE A 357 -7.18 15.66 7.83
C ILE A 357 -5.83 16.35 7.97
N SER A 358 -5.52 17.28 7.07
CA SER A 358 -4.27 18.03 7.21
C SER A 358 -4.24 18.82 8.51
N LEU A 359 -5.40 19.35 8.92
CA LEU A 359 -5.51 20.14 10.14
C LEU A 359 -6.09 19.33 11.30
N ALA A 360 -5.78 18.03 11.36
CA ALA A 360 -6.32 17.16 12.39
C ALA A 360 -5.20 16.82 13.37
N THR A 361 -5.29 17.38 14.58
CA THR A 361 -4.35 17.12 15.66
C THR A 361 -5.03 16.37 16.80
N THR A 362 -6.10 15.66 16.49
CA THR A 362 -6.87 14.92 17.49
C THR A 362 -7.70 13.88 16.77
N THR A 363 -8.15 12.88 17.51
CA THR A 363 -8.86 11.79 16.84
C THR A 363 -10.29 12.15 16.37
N PRO A 364 -11.05 13.01 17.07
CA PRO A 364 -12.33 13.41 16.46
C PRO A 364 -12.15 14.11 15.12
N LEU A 365 -11.16 15.00 15.01
CA LEU A 365 -10.89 15.68 13.75
C LEU A 365 -10.27 14.76 12.71
N MET A 366 -9.56 13.71 13.12
CA MET A 366 -9.04 12.79 12.13
C MET A 366 -10.12 11.88 11.59
N PHE A 367 -11.07 11.45 12.43
CA PHE A 367 -12.14 10.61 11.94
C PHE A 367 -13.25 11.40 11.25
N THR A 368 -13.41 12.69 11.57
CA THR A 368 -14.32 13.52 10.80
C THR A 368 -13.86 13.65 9.36
N GLY A 369 -12.55 13.78 9.15
CA GLY A 369 -12.03 13.79 7.80
C GLY A 369 -12.35 12.52 7.04
N TYR A 370 -12.25 11.37 7.71
CA TYR A 370 -12.65 10.12 7.09
C TYR A 370 -14.13 10.11 6.77
N GLY A 371 -14.95 10.62 7.68
CA GLY A 371 -16.38 10.67 7.44
C GLY A 371 -16.77 11.63 6.34
N ILE A 372 -16.08 12.78 6.26
CA ILE A 372 -16.38 13.77 5.24
C ILE A 372 -16.12 13.19 3.84
N MET A 373 -15.08 12.37 3.71
CA MET A 373 -14.79 11.74 2.43
C MET A 373 -15.67 10.52 2.20
N PHE A 374 -16.98 10.67 2.35
CA PHE A 374 -17.90 9.58 2.07
C PHE A 374 -18.32 9.53 0.61
N LEU A 375 -18.08 10.59 -0.14
CA LEU A 375 -18.28 10.62 -1.59
C LEU A 375 -16.98 10.84 -2.34
N SER A 376 -15.85 10.59 -1.69
CA SER A 376 -14.56 10.93 -2.27
C SER A 376 -14.31 10.15 -3.55
N MET A 377 -14.81 8.92 -3.62
CA MET A 377 -14.46 7.98 -4.69
C MET A 377 -15.50 7.92 -5.79
N ALA A 378 -16.35 8.94 -5.90
CA ALA A 378 -17.33 9.01 -6.96
C ALA A 378 -16.82 9.77 -8.18
N ALA A 379 -15.56 10.21 -8.17
CA ALA A 379 -15.00 10.95 -9.29
C ALA A 379 -14.14 10.09 -10.20
N THR A 380 -13.47 9.07 -9.66
CA THR A 380 -12.69 8.17 -10.51
C THR A 380 -13.58 7.36 -11.46
N PRO A 381 -14.65 6.69 -11.01
CA PRO A 381 -15.53 6.01 -11.97
C PRO A 381 -16.12 6.94 -12.99
N VAL A 382 -16.45 8.18 -12.61
CA VAL A 382 -17.02 9.12 -13.56
C VAL A 382 -16.02 9.45 -14.66
N ILE A 383 -14.76 9.68 -14.28
CA ILE A 383 -13.75 9.97 -15.31
C ILE A 383 -13.53 8.76 -16.20
N ARG A 384 -13.48 7.56 -15.61
CA ARG A 384 -13.30 6.35 -16.40
C ARG A 384 -14.43 6.17 -17.41
N ALA A 385 -15.67 6.40 -16.98
CA ALA A 385 -16.80 6.25 -17.88
C ALA A 385 -16.83 7.36 -18.93
N LYS A 386 -16.51 8.59 -18.56
CA LYS A 386 -16.48 9.68 -19.53
C LYS A 386 -15.38 9.47 -20.55
N LEU A 387 -14.32 8.75 -20.18
CA LEU A 387 -13.34 8.34 -21.16
C LEU A 387 -13.86 7.21 -22.03
N SER A 388 -14.55 6.25 -21.42
CA SER A 388 -15.00 5.07 -22.16
C SER A 388 -16.16 5.36 -23.09
N LYS A 389 -16.84 6.48 -22.92
CA LYS A 389 -17.93 6.89 -23.80
C LYS A 389 -17.45 7.80 -24.92
N LEU A 390 -16.15 8.09 -24.98
CA LEU A 390 -15.57 8.88 -26.06
C LEU A 390 -14.94 8.04 -27.15
N VAL A 391 -14.69 6.76 -26.89
CA VAL A 391 -14.05 5.88 -27.86
C VAL A 391 -15.10 4.94 -28.44
N SER A 392 -14.75 4.33 -29.56
CA SER A 392 -15.67 3.42 -30.23
C SER A 392 -15.87 2.15 -29.40
N GLU A 393 -16.93 1.40 -29.73
CA GLU A 393 -17.21 0.17 -28.99
C GLU A 393 -16.14 -0.89 -29.21
N THR A 394 -15.30 -0.73 -30.22
CA THR A 394 -14.24 -1.70 -30.52
C THR A 394 -12.87 -1.23 -30.04
N GLU A 395 -12.80 -0.15 -29.27
CA GLU A 395 -11.54 0.39 -28.79
C GLU A 395 -11.52 0.51 -27.28
N GLN A 396 -12.47 -0.16 -26.62
CA GLN A 396 -12.52 -0.16 -25.16
C GLN A 396 -11.39 -0.99 -24.55
N GLY A 397 -10.72 -1.80 -25.34
CA GLY A 397 -9.54 -2.49 -24.87
C GLY A 397 -8.34 -1.57 -24.90
N ALA A 398 -8.16 -0.87 -26.02
CA ALA A 398 -7.04 0.06 -26.15
C ALA A 398 -7.16 1.19 -25.14
N LEU A 399 -8.35 1.76 -24.99
CA LEU A 399 -8.51 2.88 -24.07
C LEU A 399 -8.16 2.47 -22.64
N PHE A 400 -8.68 1.34 -22.19
CA PHE A 400 -8.43 0.97 -20.81
C PHE A 400 -7.05 0.34 -20.61
N ALA A 401 -6.38 -0.11 -21.66
CA ALA A 401 -4.96 -0.39 -21.56
C ALA A 401 -4.17 0.88 -21.30
N SER A 402 -4.50 1.95 -22.03
CA SER A 402 -3.85 3.24 -21.77
C SER A 402 -4.14 3.70 -20.34
N VAL A 403 -5.38 3.54 -19.89
CA VAL A 403 -5.75 3.97 -18.55
C VAL A 403 -5.02 3.16 -17.49
N ALA A 404 -4.85 1.85 -17.71
CA ALA A 404 -4.12 1.03 -16.75
C ALA A 404 -2.65 1.43 -16.69
N CYS A 405 -2.04 1.72 -17.83
CA CYS A 405 -0.66 2.20 -17.81
C CYS A 405 -0.56 3.52 -17.05
N VAL A 406 -1.50 4.43 -17.28
CA VAL A 406 -1.52 5.69 -16.55
C VAL A 406 -1.67 5.44 -15.05
N GLU A 407 -2.49 4.49 -14.61
CA GLU A 407 -2.70 4.17 -13.16
C GLU A 407 -1.48 3.50 -12.57
N GLY A 408 -0.67 2.78 -13.32
CA GLY A 408 0.61 2.31 -12.78
C GLY A 408 1.60 3.44 -12.62
N LEU A 409 1.71 4.30 -13.63
CA LEU A 409 2.60 5.46 -13.51
C LEU A 409 2.17 6.35 -12.35
N CYS A 410 0.87 6.49 -12.14
CA CYS A 410 0.36 7.29 -11.03
C CYS A 410 0.74 6.68 -9.69
N SER A 411 0.68 5.36 -9.58
CA SER A 411 1.12 4.71 -8.35
C SER A 411 2.58 5.04 -8.06
N LEU A 412 3.43 4.90 -9.07
CA LEU A 412 4.86 5.19 -8.86
C LEU A 412 5.08 6.65 -8.48
N VAL A 413 4.43 7.57 -9.21
CA VAL A 413 4.65 8.99 -8.98
C VAL A 413 4.10 9.40 -7.61
N ALA A 414 2.95 8.86 -7.22
CA ALA A 414 2.40 9.16 -5.91
C ALA A 414 3.33 8.71 -4.81
N THR A 415 3.82 7.47 -4.91
CA THR A 415 4.77 7.00 -3.91
C THR A 415 5.97 7.93 -3.80
N GLY A 416 6.61 8.23 -4.93
CA GLY A 416 7.78 9.08 -4.90
C GLY A 416 7.51 10.45 -4.31
N VAL A 417 6.50 11.15 -4.85
CA VAL A 417 6.25 12.54 -4.45
C VAL A 417 5.84 12.61 -2.99
N PHE A 418 4.90 11.77 -2.56
CA PHE A 418 4.39 11.92 -1.21
C PHE A 418 5.36 11.39 -0.16
N ASN A 419 6.09 10.31 -0.44
CA ASN A 419 7.12 9.87 0.49
C ASN A 419 8.34 10.76 0.45
N SER A 420 8.44 11.69 -0.50
CA SER A 420 9.44 12.74 -0.40
C SER A 420 8.92 13.98 0.32
N LEU A 421 7.62 14.27 0.22
CA LEU A 421 7.07 15.43 0.93
C LEU A 421 6.97 15.18 2.42
N TYR A 422 6.47 14.02 2.83
CA TYR A 422 6.17 13.82 4.25
C TYR A 422 7.39 13.97 5.15
N PRO A 423 8.55 13.37 4.87
CA PRO A 423 9.71 13.63 5.72
C PRO A 423 10.14 15.08 5.73
N SER A 424 10.03 15.77 4.60
CA SER A 424 10.53 17.14 4.53
C SER A 424 9.66 18.10 5.33
N THR A 425 8.34 18.04 5.15
CA THR A 425 7.42 18.89 5.90
C THR A 425 6.90 18.15 7.13
N LEU A 426 7.83 17.75 7.97
CA LEU A 426 7.52 17.02 9.19
C LEU A 426 7.64 17.86 10.45
N HIS A 427 8.65 18.73 10.53
CA HIS A 427 8.81 19.63 11.66
C HIS A 427 8.31 21.03 11.38
N PHE A 428 7.73 21.26 10.20
CA PHE A 428 7.12 22.53 9.84
C PHE A 428 5.60 22.47 9.86
N MET A 429 5.02 21.50 9.16
CA MET A 429 3.58 21.24 9.24
C MET A 429 3.33 19.80 8.82
N ARG A 430 3.03 18.93 9.78
CA ARG A 430 2.52 17.62 9.42
C ARG A 430 1.16 17.78 8.75
N GLY A 431 0.88 16.91 7.79
CA GLY A 431 -0.33 17.01 7.02
C GLY A 431 -0.26 17.95 5.85
N PHE A 432 0.85 18.66 5.69
CA PHE A 432 1.06 19.39 4.44
C PHE A 432 0.98 18.48 3.22
N PRO A 433 1.46 17.22 3.25
CA PRO A 433 1.20 16.36 2.09
C PRO A 433 -0.28 16.21 1.78
N PHE A 434 -1.12 16.12 2.80
CA PHE A 434 -2.56 16.03 2.54
C PHE A 434 -3.11 17.33 1.99
N LEU A 435 -2.63 18.47 2.49
CA LEU A 435 -3.10 19.73 1.93
C LEU A 435 -2.61 19.94 0.51
N PHE A 436 -1.41 19.45 0.19
CA PHE A 436 -0.90 19.50 -1.18
C PHE A 436 -1.70 18.59 -2.10
N GLY A 437 -2.09 17.42 -1.60
CA GLY A 437 -3.00 16.58 -2.37
C GLY A 437 -4.35 17.24 -2.59
N ALA A 438 -4.85 17.94 -1.59
CA ALA A 438 -6.10 18.68 -1.76
C ALA A 438 -5.95 19.78 -2.79
N ILE A 439 -4.80 20.47 -2.81
CA ILE A 439 -4.56 21.50 -3.80
C ILE A 439 -4.48 20.91 -5.19
N LEU A 440 -3.81 19.76 -5.34
CA LEU A 440 -3.71 19.14 -6.65
C LEU A 440 -5.07 18.72 -7.18
N LEU A 441 -6.02 18.44 -6.29
CA LEU A 441 -7.36 18.07 -6.73
C LEU A 441 -8.14 19.26 -7.26
N LEU A 442 -7.58 20.47 -7.17
CA LEU A 442 -8.24 21.63 -7.77
C LEU A 442 -8.08 21.64 -9.28
N ILE A 443 -7.12 20.88 -9.82
CA ILE A 443 -6.91 20.84 -11.26
C ILE A 443 -7.88 19.88 -11.94
N PRO A 444 -8.08 18.64 -11.44
CA PRO A 444 -9.15 17.82 -12.04
C PRO A 444 -10.52 18.48 -11.98
N ALA A 445 -10.85 19.17 -10.90
CA ALA A 445 -12.15 19.81 -10.81
C ALA A 445 -12.30 20.89 -11.88
N ALA A 446 -11.27 21.72 -12.04
CA ALA A 446 -11.31 22.75 -13.07
C ALA A 446 -11.40 22.13 -14.45
N ILE A 447 -10.63 21.08 -14.70
CA ILE A 447 -10.61 20.43 -16.01
C ILE A 447 -11.99 19.89 -16.35
N MET A 448 -12.60 19.15 -15.41
CA MET A 448 -13.88 18.52 -15.71
C MET A 448 -14.99 19.54 -15.84
N GLY A 449 -15.02 20.54 -14.95
CA GLY A 449 -16.03 21.57 -15.06
C GLY A 449 -15.92 22.34 -16.36
N TRP A 450 -14.69 22.71 -16.74
CA TRP A 450 -14.49 23.42 -17.99
C TRP A 450 -14.92 22.57 -19.18
N ILE A 451 -14.57 21.29 -19.16
CA ILE A 451 -14.91 20.40 -20.27
C ILE A 451 -16.42 20.33 -20.44
N GLU A 452 -17.16 20.18 -19.35
CA GLU A 452 -18.60 20.07 -19.50
C GLU A 452 -19.21 21.41 -19.91
N ILE A 453 -18.74 22.50 -19.32
CA ILE A 453 -19.37 23.79 -19.59
C ILE A 453 -19.15 24.21 -21.04
N GLN A 454 -17.91 24.08 -21.53
CA GLN A 454 -17.61 24.53 -22.89
C GLN A 454 -18.39 23.71 -23.93
N ASP A 455 -18.48 22.40 -23.75
CA ASP A 455 -19.19 21.58 -24.72
C ASP A 455 -20.69 21.89 -24.70
N SER A 456 -21.28 22.06 -23.52
CA SER A 456 -22.71 22.34 -23.42
C SER A 456 -23.05 23.77 -23.79
N ASN A 457 -22.06 24.64 -23.99
CA ASN A 457 -22.32 26.02 -24.40
C ASN A 457 -22.19 26.16 -25.91
N VAL B 5 -0.27 2.18 28.32
CA VAL B 5 0.87 1.37 27.92
C VAL B 5 2.17 1.98 28.43
N GLN B 6 2.92 1.21 29.21
CA GLN B 6 4.24 1.63 29.67
C GLN B 6 5.08 0.38 29.90
N LEU B 7 6.34 0.45 29.52
CA LEU B 7 7.32 -0.61 29.80
C LEU B 7 8.35 0.00 30.74
N VAL B 8 8.39 -0.48 31.98
CA VAL B 8 9.23 0.10 33.00
C VAL B 8 10.41 -0.84 33.25
N GLU B 9 11.62 -0.31 33.07
CA GLU B 9 12.82 -1.11 33.30
C GLU B 9 13.46 -0.77 34.63
N SER B 10 13.90 -1.80 35.34
CA SER B 10 14.67 -1.57 36.55
C SER B 10 15.66 -2.70 36.80
N GLY B 11 16.87 -2.57 36.29
CA GLY B 11 17.96 -3.43 36.69
C GLY B 11 19.29 -2.70 36.65
N GLY B 12 19.25 -1.40 36.36
CA GLY B 12 20.44 -0.65 36.07
C GLY B 12 21.17 -0.18 37.30
N GLY B 13 22.26 0.54 37.06
CA GLY B 13 23.02 1.09 38.15
C GLY B 13 24.52 0.89 38.02
N LEU B 14 25.26 1.42 38.98
CA LEU B 14 26.72 1.35 38.96
C LEU B 14 27.16 -0.09 39.18
N VAL B 15 27.86 -0.65 38.22
CA VAL B 15 28.43 -1.98 38.33
C VAL B 15 29.87 -1.93 37.83
N GLN B 16 30.79 -2.52 38.59
CA GLN B 16 32.17 -2.58 38.16
C GLN B 16 32.29 -3.49 36.94
N PRO B 17 33.30 -3.28 36.10
CA PRO B 17 33.46 -4.15 34.93
C PRO B 17 33.59 -5.61 35.35
N GLY B 18 32.97 -6.49 34.58
CA GLY B 18 32.82 -7.88 34.98
C GLY B 18 31.58 -8.05 35.82
N GLY B 19 30.53 -7.31 35.48
CA GLY B 19 29.29 -7.35 36.23
C GLY B 19 28.23 -8.20 35.55
N SER B 20 27.16 -8.44 36.31
CA SER B 20 26.11 -9.37 35.89
C SER B 20 24.74 -8.75 36.12
N LEU B 21 24.55 -7.52 35.65
CA LEU B 21 23.26 -6.87 35.75
C LEU B 21 22.18 -7.68 35.04
N ARG B 22 21.03 -7.80 35.68
CA ARG B 22 19.85 -8.43 35.09
C ARG B 22 18.80 -7.35 34.90
N LEU B 23 18.65 -6.90 33.66
CA LEU B 23 17.64 -5.90 33.34
C LEU B 23 16.28 -6.57 33.25
N SER B 24 15.26 -5.87 33.71
CA SER B 24 13.88 -6.34 33.62
C SER B 24 13.05 -5.30 32.89
N CYS B 25 11.88 -5.70 32.43
CA CYS B 25 11.00 -4.77 31.72
C CYS B 25 9.55 -5.22 31.85
N ALA B 26 8.81 -4.65 32.80
CA ALA B 26 7.46 -5.09 33.10
C ALA B 26 6.47 -4.28 32.28
N ALA B 27 5.76 -4.95 31.37
CA ALA B 27 4.84 -4.28 30.46
C ALA B 27 3.43 -4.28 31.02
N SER B 28 2.79 -3.11 31.04
CA SER B 28 1.46 -2.96 31.62
C SER B 28 0.66 -2.04 30.70
N GLY B 29 -0.29 -2.62 29.96
CA GLY B 29 -1.10 -1.84 29.04
C GLY B 29 -1.44 -2.57 27.76
N PHE B 30 -0.81 -3.72 27.54
CA PHE B 30 -1.12 -4.55 26.39
C PHE B 30 -0.93 -6.00 26.80
N THR B 31 -1.00 -6.90 25.82
CA THR B 31 -0.99 -8.33 26.12
C THR B 31 0.40 -8.81 26.53
N PHE B 32 1.44 -8.36 25.83
CA PHE B 32 2.83 -8.74 26.05
C PHE B 32 3.10 -10.17 25.57
N SER B 33 2.06 -10.91 25.23
CA SER B 33 2.23 -12.24 24.68
C SER B 33 2.04 -12.28 23.17
N ARG B 34 1.75 -11.14 22.57
CA ARG B 34 1.62 -11.02 21.12
C ARG B 34 2.65 -10.07 20.53
N TYR B 35 3.48 -9.45 21.36
CA TYR B 35 4.40 -8.41 20.93
C TYR B 35 5.84 -8.92 20.92
N TRP B 36 6.56 -8.59 19.87
CA TRP B 36 8.00 -8.82 19.87
C TRP B 36 8.65 -7.87 20.87
N MET B 37 9.79 -8.30 21.42
CA MET B 37 10.44 -7.52 22.46
C MET B 37 11.90 -7.32 22.08
N TYR B 38 12.36 -6.09 22.18
CA TYR B 38 13.72 -5.72 21.78
C TYR B 38 14.46 -5.16 22.99
N TRP B 39 15.68 -4.69 22.75
CA TRP B 39 16.49 -4.06 23.79
C TRP B 39 17.46 -3.14 23.08
N VAL B 40 17.42 -1.85 23.39
CA VAL B 40 18.25 -0.87 22.72
C VAL B 40 18.93 0.00 23.78
N ARG B 41 20.16 0.41 23.49
CA ARG B 41 20.91 1.23 24.42
C ARG B 41 21.39 2.48 23.68
N GLN B 42 20.99 3.65 24.15
CA GLN B 42 21.49 4.88 23.56
C GLN B 42 22.70 5.40 24.31
N ALA B 43 23.89 5.00 23.89
CA ALA B 43 25.12 5.37 24.56
C ALA B 43 25.28 6.88 24.57
N PRO B 44 25.96 7.45 25.56
CA PRO B 44 26.10 8.92 25.60
C PRO B 44 26.85 9.42 24.36
N GLY B 45 26.26 10.42 23.70
CA GLY B 45 26.82 10.96 22.48
C GLY B 45 26.82 10.00 21.31
N LYS B 46 25.79 9.17 21.20
CA LYS B 46 25.65 8.24 20.07
C LYS B 46 24.17 8.05 19.80
N GLY B 47 23.86 7.09 18.93
CA GLY B 47 22.49 6.74 18.62
C GLY B 47 22.14 5.36 19.14
N PRO B 48 20.93 4.91 18.81
CA PRO B 48 20.49 3.59 19.30
C PRO B 48 21.40 2.48 18.80
N GLU B 49 21.53 1.45 19.62
CA GLU B 49 22.47 0.36 19.37
C GLU B 49 21.75 -0.97 19.59
N TRP B 50 20.61 -1.16 18.91
CA TRP B 50 19.72 -2.30 19.10
C TRP B 50 20.46 -3.58 19.43
N LEU B 51 20.06 -4.26 20.50
CA LEU B 51 20.89 -5.30 21.09
C LEU B 51 20.29 -6.70 20.93
N SER B 52 18.98 -6.82 20.77
CA SER B 52 18.33 -8.12 20.83
C SER B 52 16.91 -8.02 20.33
N HIS B 53 16.30 -9.16 19.99
CA HIS B 53 14.84 -9.19 19.88
C HIS B 53 14.33 -10.61 20.01
N MET B 54 13.06 -10.77 20.32
CA MET B 54 12.51 -12.08 20.61
C MET B 54 11.03 -12.11 20.29
N ASN B 55 10.62 -13.12 19.53
CA ASN B 55 9.24 -13.28 19.10
C ASN B 55 8.37 -13.70 20.30
N PRO B 56 7.04 -13.60 20.16
CA PRO B 56 6.17 -13.81 21.33
C PRO B 56 6.27 -15.20 21.96
N SER B 57 7.14 -16.05 21.43
CA SER B 57 7.36 -17.36 22.04
C SER B 57 8.75 -17.40 22.66
N GLY B 58 9.77 -17.13 21.86
CA GLY B 58 11.14 -17.27 22.32
C GLY B 58 11.94 -18.10 21.34
N SER B 59 11.39 -18.30 20.14
CA SER B 59 12.04 -19.07 19.10
C SER B 59 12.99 -18.24 18.24
N ASP B 60 12.64 -16.98 17.97
CA ASP B 60 13.46 -16.09 17.15
C ASP B 60 14.20 -15.13 18.08
N ILE B 61 15.39 -15.55 18.51
CA ILE B 61 16.27 -14.73 19.34
C ILE B 61 17.44 -14.30 18.47
N LYS B 62 17.59 -12.99 18.29
CA LYS B 62 18.62 -12.43 17.44
C LYS B 62 19.40 -11.38 18.22
N TYR B 63 20.72 -11.37 18.03
CA TYR B 63 21.61 -10.44 18.70
C TYR B 63 22.42 -9.67 17.67
N THR B 64 23.13 -8.63 18.13
CA THR B 64 24.18 -8.05 17.30
C THR B 64 25.52 -8.70 17.63
N ASP B 65 26.58 -8.29 16.94
CA ASP B 65 27.87 -8.90 17.11
C ASP B 65 28.56 -8.48 18.40
N SER B 66 28.25 -7.30 18.91
CA SER B 66 28.91 -6.80 20.12
C SER B 66 28.32 -7.41 21.38
N VAL B 67 27.26 -8.20 21.25
CA VAL B 67 26.61 -8.83 22.39
C VAL B 67 26.38 -10.33 22.18
N LYS B 68 26.82 -10.89 21.06
CA LYS B 68 26.52 -12.29 20.77
C LYS B 68 27.14 -13.20 21.82
N GLY B 69 26.33 -14.10 22.37
CA GLY B 69 26.79 -15.02 23.38
C GLY B 69 27.17 -14.39 24.70
N ARG B 70 26.87 -13.12 24.90
CA ARG B 70 27.23 -12.38 26.10
C ARG B 70 26.03 -11.75 26.79
N PHE B 71 25.06 -11.28 26.03
CA PHE B 71 23.77 -10.82 26.55
C PHE B 71 22.72 -11.88 26.26
N THR B 72 21.84 -12.12 27.22
CA THR B 72 20.90 -13.23 27.11
C THR B 72 19.48 -12.73 27.33
N ILE B 73 18.78 -12.41 26.24
CA ILE B 73 17.41 -11.94 26.33
C ILE B 73 16.51 -13.07 26.80
N SER B 74 15.42 -12.73 27.47
CA SER B 74 14.45 -13.70 27.97
C SER B 74 13.17 -12.98 28.34
N ARG B 75 12.03 -13.63 28.18
CA ARG B 75 10.76 -13.05 28.59
C ARG B 75 9.97 -14.10 29.36
N ASP B 76 9.10 -13.62 30.23
CA ASP B 76 8.19 -14.49 30.98
C ASP B 76 6.79 -13.97 30.73
N ASN B 77 6.08 -14.60 29.79
CA ASN B 77 4.71 -14.18 29.47
C ASN B 77 3.81 -14.26 30.69
N ALA B 78 4.10 -15.18 31.62
CA ALA B 78 3.34 -15.26 32.85
C ALA B 78 3.56 -14.02 33.71
N LYS B 79 4.83 -13.67 33.94
CA LYS B 79 5.18 -12.52 34.78
C LYS B 79 5.10 -11.20 34.04
N ASN B 80 4.99 -11.23 32.72
CA ASN B 80 4.98 -10.02 31.90
C ASN B 80 6.21 -9.15 32.18
N THR B 81 7.36 -9.79 32.28
CA THR B 81 8.63 -9.08 32.53
C THR B 81 9.68 -9.62 31.57
N LEU B 82 9.95 -8.87 30.51
CA LEU B 82 11.07 -9.17 29.63
C LEU B 82 12.39 -8.93 30.36
N TYR B 83 13.34 -9.84 30.18
CA TYR B 83 14.61 -9.79 30.87
C TYR B 83 15.75 -9.58 29.88
N LEU B 84 16.93 -9.31 30.43
CA LEU B 84 18.18 -9.37 29.67
C LEU B 84 19.31 -9.43 30.67
N GLN B 85 20.10 -10.50 30.63
CA GLN B 85 21.24 -10.66 31.51
C GLN B 85 22.53 -10.32 30.78
N MET B 86 23.42 -9.63 31.48
CA MET B 86 24.59 -9.00 30.87
C MET B 86 25.84 -9.51 31.57
N ASN B 87 26.63 -10.32 30.88
CA ASN B 87 27.91 -10.79 31.40
C ASN B 87 29.06 -10.01 30.79
N SER B 88 30.20 -10.04 31.48
CA SER B 88 31.42 -9.41 31.01
C SER B 88 31.20 -7.95 30.61
N LEU B 89 30.65 -7.16 31.53
CA LEU B 89 30.36 -5.76 31.24
C LEU B 89 31.65 -4.97 31.17
N LYS B 90 31.75 -4.11 30.15
CA LYS B 90 32.90 -3.24 29.92
C LYS B 90 32.46 -1.78 29.97
N PRO B 91 33.39 -0.85 30.24
CA PRO B 91 32.99 0.57 30.30
C PRO B 91 32.53 1.11 28.95
N ASP B 92 32.57 0.27 27.92
CA ASP B 92 31.96 0.57 26.64
C ASP B 92 30.46 0.30 26.64
N ASP B 93 29.95 -0.36 27.68
CA ASP B 93 28.54 -0.71 27.79
C ASP B 93 27.72 0.33 28.53
N THR B 94 28.34 1.42 28.98
CA THR B 94 27.61 2.49 29.64
C THR B 94 26.61 3.12 28.68
N ALA B 95 25.34 3.07 29.03
CA ALA B 95 24.31 3.61 28.15
C ALA B 95 22.98 3.75 28.89
N VAL B 96 21.93 4.02 28.13
CA VAL B 96 20.57 4.10 28.68
C VAL B 96 19.73 3.03 28.00
N TYR B 97 19.55 1.89 28.66
CA TYR B 97 18.93 0.75 28.02
C TYR B 97 17.42 0.90 27.96
N TYR B 98 16.87 0.92 26.74
CA TYR B 98 15.45 1.02 26.53
C TYR B 98 14.89 -0.36 26.23
N CYS B 99 13.56 -0.44 26.08
CA CYS B 99 12.85 -1.70 25.95
C CYS B 99 11.63 -1.46 25.06
N VAL B 100 11.81 -1.68 23.76
CA VAL B 100 10.72 -1.36 22.84
C VAL B 100 9.85 -2.59 22.66
N ALA B 101 8.66 -2.41 22.09
CA ALA B 101 7.73 -3.51 21.92
C ALA B 101 6.97 -3.30 20.61
N ASP B 102 7.48 -3.88 19.54
CA ASP B 102 6.86 -3.77 18.24
C ASP B 102 5.91 -4.95 18.04
N ARG B 103 5.29 -5.03 16.86
CA ARG B 103 4.52 -6.19 16.48
C ARG B 103 5.10 -6.91 15.28
N ARG B 104 6.27 -6.47 14.80
CA ARG B 104 6.86 -6.97 13.56
C ARG B 104 5.84 -6.91 12.43
N ALA B 105 5.20 -5.75 12.31
CA ALA B 105 4.30 -5.44 11.22
C ALA B 105 4.51 -3.98 10.85
N LEU B 106 4.13 -3.63 9.62
CA LEU B 106 4.39 -2.30 9.12
C LEU B 106 3.32 -1.28 9.48
N GLY B 107 2.21 -1.73 10.06
CA GLY B 107 1.16 -0.82 10.48
C GLY B 107 0.86 -0.97 11.95
N SER B 108 1.90 -1.12 12.76
CA SER B 108 1.76 -1.27 14.19
C SER B 108 2.76 -0.38 14.92
N PRO B 109 2.40 0.13 16.08
CA PRO B 109 3.24 1.11 16.77
C PRO B 109 4.33 0.46 17.61
N GLU B 110 5.32 1.28 17.95
CA GLU B 110 6.39 0.89 18.85
C GLU B 110 6.16 1.54 20.21
N TYR B 111 6.41 0.79 21.27
CA TYR B 111 6.20 1.29 22.63
C TYR B 111 7.53 1.25 23.36
N TRP B 112 8.31 2.31 23.23
CA TRP B 112 9.58 2.38 23.94
C TRP B 112 9.35 2.44 25.44
N GLY B 113 10.38 2.07 26.19
CA GLY B 113 10.37 2.20 27.63
C GLY B 113 11.09 3.47 28.07
N GLN B 114 11.07 3.69 29.39
CA GLN B 114 11.68 4.90 29.94
C GLN B 114 13.20 4.85 29.85
N GLY B 115 13.81 3.69 30.09
CA GLY B 115 15.24 3.55 29.95
C GLY B 115 16.01 3.71 31.25
N THR B 116 16.61 2.62 31.71
CA THR B 116 17.49 2.66 32.87
C THR B 116 18.85 3.22 32.45
N GLN B 117 19.76 3.35 33.42
CA GLN B 117 21.07 3.98 33.15
C GLN B 117 22.17 3.08 33.73
N VAL B 118 22.72 2.22 32.89
CA VAL B 118 23.82 1.36 33.30
C VAL B 118 25.12 2.15 33.16
N THR B 119 25.91 2.19 34.22
CA THR B 119 27.08 3.05 34.32
C THR B 119 28.33 2.25 34.67
N VAL B 120 28.62 1.21 33.89
CA VAL B 120 29.75 0.32 34.13
C VAL B 120 31.02 1.13 34.34
N SER B 121 31.64 0.98 35.51
CA SER B 121 32.84 1.75 35.82
C SER B 121 33.68 1.07 36.90
#